data_8T96
#
_entry.id   8T96
#
_cell.length_a   63.562
_cell.length_b   103.358
_cell.length_c   104.193
_cell.angle_alpha   90.00
_cell.angle_beta   90.00
_cell.angle_gamma   90.00
#
_symmetry.space_group_name_H-M   'C 2 2 21'
#
loop_
_entity.id
_entity.type
_entity.pdbx_description
1 polymer Kinase
2 non-polymer "ADENOSINE-5'-DIPHOSPHATE"
3 non-polymer 'MAGNESIUM ION'
4 non-polymer 'neo-Inositol pentakisphosphate'
5 non-polymer 'PHOSPHATE ION'
6 water water
#
_entity_poly.entity_id   1
_entity_poly.type   'polypeptide(L)'
_entity_poly.pdbx_seq_one_letter_code
;DITNMSNIDLQSSKSVADEVIADIAEIVNKESIRIFPRIAGRSYIIYGQTSGIICKRMEKSDNEFVIYNYISEHYDKFLK
KYVPKLYGKNNDMLLLEDLTYNYNNPNVMDVKIGARKRKSHTSGFFSIRGYTNSHDYKFDPDEYLTSESTINHIKNFMEA
GGENRDKTKQVLLKWIMKLSELANDLFEINLKFDGVSLIFIYDDDCSKCDVNVVDFSRVKLIDTNDQMTISAVTNLIKIL
SELADNPLN
;
_entity_poly.pdbx_strand_id   A
#
loop_
_chem_comp.id
_chem_comp.type
_chem_comp.name
_chem_comp.formula
ADP non-polymer ADENOSINE-5'-DIPHOSPHATE 'C10 H15 N5 O10 P2'
K7V non-polymer 'neo-Inositol pentakisphosphate' 'C6 H17 O21 P5'
MG non-polymer 'MAGNESIUM ION' 'Mg 2'
PO4 non-polymer 'PHOSPHATE ION' 'O4 P -3'
#
# COMPACT_ATOMS: atom_id res chain seq x y z
N ILE A 33 -0.18 -5.44 25.94
CA ILE A 33 0.00 -4.70 24.66
C ILE A 33 0.98 -5.46 23.75
N ARG A 34 0.57 -5.80 22.53
CA ARG A 34 1.35 -6.56 21.52
C ARG A 34 1.60 -5.67 20.29
N ILE A 35 2.87 -5.33 20.06
CA ILE A 35 3.31 -4.45 18.94
C ILE A 35 2.99 -5.16 17.64
N PHE A 36 2.42 -4.41 16.68
CA PHE A 36 2.10 -4.95 15.33
C PHE A 36 3.36 -4.93 14.47
N PRO A 37 3.70 -6.04 13.77
CA PRO A 37 4.89 -6.09 12.92
C PRO A 37 4.71 -5.25 11.64
N ARG A 38 4.78 -3.92 11.79
CA ARG A 38 4.77 -2.92 10.69
C ARG A 38 5.87 -3.27 9.68
N ILE A 39 5.69 -2.86 8.42
CA ILE A 39 6.75 -2.97 7.39
C ILE A 39 7.46 -1.62 7.31
N ALA A 40 6.76 -0.53 7.61
CA ALA A 40 7.31 0.85 7.49
C ALA A 40 6.54 1.79 8.41
N GLY A 41 6.79 3.10 8.29
CA GLY A 41 6.17 4.16 9.09
C GLY A 41 6.90 4.30 10.41
N ARG A 42 6.61 5.36 11.17
CA ARG A 42 7.12 5.53 12.56
C ARG A 42 5.95 5.45 13.54
N SER A 43 4.72 5.26 13.03
CA SER A 43 3.46 5.35 13.82
C SER A 43 3.37 4.23 14.87
N TYR A 44 2.82 4.54 16.03
CA TYR A 44 2.45 3.55 17.07
C TYR A 44 1.28 2.72 16.55
N ILE A 45 1.52 1.45 16.26
CA ILE A 45 0.51 0.45 15.82
C ILE A 45 0.62 -0.82 16.65
N ILE A 46 -0.51 -1.24 17.23
CA ILE A 46 -0.59 -2.46 18.09
C ILE A 46 -1.70 -3.35 17.53
N TYR A 47 -1.69 -4.64 17.85
CA TYR A 47 -2.88 -5.51 17.73
C TYR A 47 -4.01 -4.98 18.61
N GLY A 48 -5.24 -5.09 18.11
CA GLY A 48 -6.46 -4.90 18.92
C GLY A 48 -6.51 -5.98 19.99
N GLN A 49 -7.33 -5.78 21.01
CA GLN A 49 -7.50 -6.78 22.11
C GLN A 49 -8.31 -7.95 21.57
N THR A 50 -8.89 -7.82 20.36
CA THR A 50 -9.64 -8.90 19.69
C THR A 50 -9.10 -9.12 18.27
N SER A 51 -9.43 -10.29 17.71
CA SER A 51 -9.04 -10.81 16.38
C SER A 51 -9.34 -9.83 15.25
N GLY A 52 -8.39 -9.70 14.30
CA GLY A 52 -8.59 -9.09 12.96
C GLY A 52 -8.63 -7.58 12.98
N ILE A 53 -8.14 -6.96 14.07
CA ILE A 53 -8.18 -5.49 14.27
C ILE A 53 -6.78 -5.03 14.62
N ILE A 54 -6.35 -3.88 14.08
CA ILE A 54 -5.12 -3.18 14.57
C ILE A 54 -5.55 -1.79 15.04
N CYS A 55 -4.82 -1.26 16.01
CA CYS A 55 -4.98 0.11 16.53
C CYS A 55 -3.77 0.94 16.10
N LYS A 56 -4.02 1.96 15.30
CA LYS A 56 -3.00 2.93 14.86
C LYS A 56 -3.25 4.22 15.61
N ARG A 57 -2.23 4.75 16.29
CA ARG A 57 -2.32 6.06 16.96
C ARG A 57 -2.17 7.16 15.92
N MET A 58 -3.07 8.14 15.98
CA MET A 58 -2.95 9.42 15.25
C MET A 58 -1.97 10.30 16.02
N GLU A 59 -0.73 10.45 15.53
CA GLU A 59 0.40 11.00 16.33
C GLU A 59 0.26 12.53 16.46
N LYS A 60 -0.12 13.23 15.39
CA LYS A 60 0.10 14.70 15.25
C LYS A 60 -1.22 15.47 15.16
N SER A 61 -2.24 14.91 14.52
CA SER A 61 -3.61 15.47 14.39
C SER A 61 -4.62 14.37 14.05
N ASP A 62 -5.91 14.69 14.14
CA ASP A 62 -7.03 13.75 13.86
C ASP A 62 -7.38 13.77 12.36
N ASN A 63 -6.50 14.31 11.51
CA ASN A 63 -6.78 14.53 10.06
C ASN A 63 -7.04 13.19 9.36
N GLU A 64 -6.37 12.10 9.73
CA GLU A 64 -6.64 10.79 9.11
C GLU A 64 -8.13 10.42 9.30
N PHE A 65 -8.66 10.60 10.50
CA PHE A 65 -10.08 10.34 10.84
C PHE A 65 -10.98 11.23 9.98
N VAL A 66 -10.67 12.52 9.94
CA VAL A 66 -11.49 13.51 9.18
C VAL A 66 -11.59 13.01 7.73
N ILE A 67 -10.49 12.50 7.17
CA ILE A 67 -10.43 12.10 5.74
C ILE A 67 -11.15 10.76 5.54
N TYR A 68 -11.00 9.77 6.43
CA TYR A 68 -11.83 8.53 6.33
C TYR A 68 -13.30 8.96 6.24
N ASN A 69 -13.76 9.80 7.17
CA ASN A 69 -15.18 10.24 7.23
C ASN A 69 -15.58 10.93 5.93
N TYR A 70 -14.76 11.86 5.45
CA TYR A 70 -15.05 12.62 4.22
C TYR A 70 -15.18 11.68 3.00
N ILE A 71 -14.29 10.69 2.91
CA ILE A 71 -14.31 9.72 1.80
C ILE A 71 -15.55 8.83 1.97
N SER A 72 -15.91 8.54 3.21
CA SER A 72 -17.12 7.75 3.56
C SER A 72 -18.35 8.41 2.93
N GLU A 73 -18.42 9.74 2.95
CA GLU A 73 -19.63 10.51 2.56
C GLU A 73 -19.59 10.87 1.08
N HIS A 74 -18.42 11.01 0.47
CA HIS A 74 -18.29 11.57 -0.91
C HIS A 74 -17.87 10.51 -1.92
N TYR A 75 -17.19 9.45 -1.51
CA TYR A 75 -16.61 8.43 -2.42
C TYR A 75 -16.66 7.06 -1.75
N ASP A 76 -17.85 6.62 -1.32
CA ASP A 76 -17.97 5.41 -0.46
C ASP A 76 -17.50 4.19 -1.27
N LYS A 77 -17.73 4.19 -2.58
CA LYS A 77 -17.36 3.05 -3.45
C LYS A 77 -15.84 2.87 -3.36
N PHE A 78 -15.12 3.98 -3.42
CA PHE A 78 -13.64 4.01 -3.33
C PHE A 78 -13.22 3.39 -1.99
N LEU A 79 -13.90 3.78 -0.91
CA LEU A 79 -13.60 3.30 0.45
C LEU A 79 -13.83 1.78 0.51
N LYS A 80 -14.88 1.30 -0.14
CA LYS A 80 -15.26 -0.14 -0.11
C LYS A 80 -14.27 -0.97 -0.95
N LYS A 81 -13.84 -0.46 -2.11
CA LYS A 81 -13.02 -1.26 -3.03
C LYS A 81 -11.57 -1.38 -2.51
N TYR A 82 -10.98 -0.30 -1.99
CA TYR A 82 -9.51 -0.08 -1.97
C TYR A 82 -8.94 0.17 -0.57
N VAL A 83 -9.76 0.36 0.46
CA VAL A 83 -9.30 0.88 1.78
C VAL A 83 -9.68 -0.09 2.90
N PRO A 84 -8.79 -0.34 3.88
CA PRO A 84 -9.13 -1.19 5.00
C PRO A 84 -10.30 -0.55 5.75
N LYS A 85 -11.25 -1.36 6.21
CA LYS A 85 -12.41 -0.88 7.00
C LYS A 85 -11.90 -0.11 8.22
N LEU A 86 -12.49 1.04 8.49
CA LEU A 86 -12.40 1.73 9.80
C LEU A 86 -13.62 1.30 10.63
N TYR A 87 -13.40 0.49 11.66
CA TYR A 87 -14.45 -0.01 12.59
C TYR A 87 -14.81 1.08 13.61
N GLY A 88 -13.86 1.91 14.03
CA GLY A 88 -14.11 2.87 15.13
C GLY A 88 -12.89 3.69 15.50
N LYS A 89 -13.12 4.65 16.38
CA LYS A 89 -12.11 5.52 17.03
C LYS A 89 -12.21 5.32 18.54
N ASN A 90 -11.06 5.28 19.21
CA ASN A 90 -10.93 5.24 20.69
C ASN A 90 -9.90 6.30 21.11
N ASN A 91 -10.38 7.49 21.47
CA ASN A 91 -9.54 8.69 21.77
C ASN A 91 -8.70 8.96 20.52
N ASP A 92 -7.40 8.71 20.57
CA ASP A 92 -6.46 9.02 19.45
C ASP A 92 -6.22 7.75 18.61
N MET A 93 -6.87 6.62 18.91
CA MET A 93 -6.60 5.33 18.21
C MET A 93 -7.69 5.05 17.15
N LEU A 94 -7.26 4.69 15.94
CA LEU A 94 -8.17 4.15 14.89
C LEU A 94 -8.14 2.62 14.98
N LEU A 95 -9.33 2.01 15.02
CA LEU A 95 -9.50 0.54 14.95
C LEU A 95 -9.66 0.17 13.48
N LEU A 96 -8.65 -0.43 12.89
CA LEU A 96 -8.58 -0.72 11.44
C LEU A 96 -8.62 -2.23 11.22
N GLU A 97 -9.24 -2.63 10.12
CA GLU A 97 -9.14 -4.01 9.61
C GLU A 97 -7.66 -4.33 9.42
N ASP A 98 -7.24 -5.47 9.97
CA ASP A 98 -5.89 -6.04 9.79
C ASP A 98 -5.83 -6.70 8.43
N LEU A 99 -5.18 -6.06 7.46
CA LEU A 99 -5.09 -6.56 6.06
C LEU A 99 -4.32 -7.89 6.01
N THR A 100 -3.51 -8.20 7.02
CA THR A 100 -2.71 -9.47 7.07
C THR A 100 -3.51 -10.60 7.72
N TYR A 101 -4.64 -10.32 8.35
CA TYR A 101 -5.35 -11.28 9.24
C TYR A 101 -5.61 -12.64 8.55
N ASN A 102 -6.16 -12.67 7.34
CA ASN A 102 -6.59 -13.95 6.69
C ASN A 102 -5.44 -14.67 5.99
N TYR A 103 -4.18 -14.44 6.37
CA TYR A 103 -3.02 -15.04 5.67
C TYR A 103 -2.25 -15.95 6.63
N ASN A 104 -2.04 -17.20 6.22
CA ASN A 104 -1.11 -18.15 6.89
C ASN A 104 0.31 -17.57 6.90
N ASN A 105 0.80 -17.05 5.79
CA ASN A 105 2.23 -16.67 5.63
C ASN A 105 2.33 -15.40 4.78
N PRO A 106 1.89 -14.25 5.33
CA PRO A 106 1.78 -13.02 4.55
C PRO A 106 3.15 -12.42 4.22
N ASN A 107 3.33 -12.00 2.98
CA ASN A 107 4.45 -11.11 2.57
C ASN A 107 3.84 -9.76 2.24
N VAL A 108 4.40 -8.70 2.82
CA VAL A 108 3.82 -7.35 2.74
C VAL A 108 4.83 -6.41 2.08
N MET A 109 4.39 -5.55 1.17
CA MET A 109 5.24 -4.43 0.66
C MET A 109 4.49 -3.12 0.82
N ASP A 110 5.15 -2.10 1.37
CA ASP A 110 4.62 -0.71 1.47
C ASP A 110 5.31 0.09 0.36
N VAL A 111 4.52 0.61 -0.57
CA VAL A 111 4.97 1.55 -1.63
C VAL A 111 4.24 2.87 -1.43
N LYS A 112 4.97 3.95 -1.20
CA LYS A 112 4.39 5.31 -1.13
C LYS A 112 4.12 5.83 -2.56
N ILE A 113 2.85 6.05 -2.88
CA ILE A 113 2.39 6.51 -4.22
C ILE A 113 2.03 7.99 -4.13
N GLY A 114 1.70 8.49 -2.94
CA GLY A 114 1.43 9.92 -2.74
C GLY A 114 2.73 10.71 -2.61
N ALA A 115 2.64 12.04 -2.63
CA ALA A 115 3.81 12.95 -2.56
C ALA A 115 4.49 12.76 -1.22
N ARG A 116 5.83 12.78 -1.20
CA ARG A 116 6.62 12.85 0.06
C ARG A 116 6.52 14.29 0.58
N LYS A 117 6.81 14.53 1.86
CA LYS A 117 6.58 15.87 2.48
C LYS A 117 7.37 16.89 1.66
N ARG A 118 8.68 16.76 1.78
CA ARG A 118 9.73 17.25 0.87
C ARG A 118 10.54 15.98 0.58
N LYS A 119 11.46 16.03 -0.38
CA LYS A 119 12.21 14.85 -0.89
C LYS A 119 11.46 14.30 -2.10
N SER A 120 12.20 14.03 -3.17
CA SER A 120 11.69 13.34 -4.37
C SER A 120 11.59 11.84 -4.05
N HIS A 121 10.90 11.10 -4.91
CA HIS A 121 10.67 9.64 -4.75
C HIS A 121 12.00 8.91 -5.00
N THR A 122 12.27 7.86 -4.23
CA THR A 122 13.46 7.00 -4.40
C THR A 122 13.40 6.23 -5.73
N SER A 123 12.23 6.05 -6.36
CA SER A 123 12.13 5.41 -7.70
C SER A 123 11.39 6.30 -8.69
N GLY A 124 11.49 7.62 -8.53
CA GLY A 124 11.01 8.61 -9.51
C GLY A 124 9.54 8.92 -9.31
N PHE A 125 8.69 7.91 -9.50
CA PHE A 125 7.20 8.06 -9.49
C PHE A 125 6.60 7.56 -8.16
N PHE A 126 7.35 6.74 -7.42
CA PHE A 126 6.94 6.14 -6.12
C PHE A 126 8.18 5.80 -5.30
N SER A 127 8.02 5.47 -4.02
CA SER A 127 9.09 5.03 -3.09
C SER A 127 8.64 3.76 -2.37
N ILE A 128 9.33 2.65 -2.63
CA ILE A 128 9.21 1.44 -1.77
C ILE A 128 9.73 1.84 -0.41
N ARG A 129 8.92 1.68 0.63
CA ARG A 129 9.28 2.05 2.02
C ARG A 129 9.77 0.83 2.79
N GLY A 130 9.43 -0.39 2.36
CA GLY A 130 9.88 -1.63 3.01
C GLY A 130 9.11 -2.83 2.53
N TYR A 131 9.62 -4.03 2.83
CA TYR A 131 8.94 -5.31 2.51
C TYR A 131 9.41 -6.43 3.44
N THR A 132 8.58 -7.45 3.57
CA THR A 132 8.88 -8.66 4.37
C THR A 132 10.22 -9.24 3.89
N ASN A 133 11.21 -9.31 4.79
CA ASN A 133 12.56 -9.90 4.60
C ASN A 133 13.46 -8.94 3.82
N SER A 134 13.17 -7.63 3.81
CA SER A 134 13.94 -6.66 2.99
C SER A 134 15.37 -6.57 3.54
N HIS A 135 15.56 -6.94 4.80
CA HIS A 135 16.90 -6.95 5.46
C HIS A 135 17.82 -7.92 4.71
N ASP A 136 17.34 -9.11 4.33
CA ASP A 136 18.12 -10.20 3.69
C ASP A 136 18.73 -9.75 2.35
N TYR A 137 18.19 -8.68 1.76
CA TYR A 137 18.58 -8.14 0.44
C TYR A 137 19.24 -6.77 0.60
N LYS A 138 19.51 -6.33 1.83
CA LYS A 138 20.23 -5.07 2.13
C LYS A 138 19.44 -3.88 1.58
N PHE A 139 18.11 -3.98 1.54
CA PHE A 139 17.19 -2.88 1.17
C PHE A 139 17.39 -1.71 2.13
N ASP A 140 17.39 -0.49 1.61
CA ASP A 140 17.58 0.75 2.40
C ASP A 140 16.57 1.78 1.90
N PRO A 141 15.56 2.15 2.74
CA PRO A 141 14.56 3.14 2.35
C PRO A 141 15.08 4.55 2.00
N ASP A 142 16.34 4.87 2.30
CA ASP A 142 16.95 6.20 2.04
C ASP A 142 17.65 6.20 0.68
N GLU A 143 17.85 5.03 0.08
CA GLU A 143 18.65 4.86 -1.16
C GLU A 143 17.78 5.16 -2.40
N TYR A 144 18.15 6.19 -3.17
CA TYR A 144 17.59 6.48 -4.51
C TYR A 144 18.02 5.36 -5.46
N LEU A 145 17.09 4.84 -6.27
CA LEU A 145 17.31 3.65 -7.12
C LEU A 145 17.17 3.98 -8.60
N THR A 146 17.85 3.19 -9.42
CA THR A 146 17.66 3.07 -10.88
C THR A 146 16.44 2.17 -11.12
N SER A 147 15.92 2.15 -12.34
CA SER A 147 14.83 1.24 -12.74
C SER A 147 15.24 -0.20 -12.46
N GLU A 148 16.51 -0.52 -12.67
CA GLU A 148 17.00 -1.90 -12.55
C GLU A 148 16.88 -2.33 -11.09
N SER A 149 17.30 -1.45 -10.17
CA SER A 149 17.34 -1.74 -8.71
C SER A 149 15.92 -1.80 -8.18
N THR A 150 15.08 -0.84 -8.55
CA THR A 150 13.62 -0.81 -8.28
C THR A 150 13.00 -2.17 -8.63
N ILE A 151 13.21 -2.65 -9.86
CA ILE A 151 12.54 -3.89 -10.35
C ILE A 151 13.11 -5.07 -9.56
N ASN A 152 14.40 -5.04 -9.21
CA ASN A 152 15.10 -6.14 -8.49
C ASN A 152 14.49 -6.28 -7.08
N HIS A 153 14.20 -5.17 -6.43
CA HIS A 153 13.60 -5.15 -5.07
C HIS A 153 12.20 -5.77 -5.10
N ILE A 154 11.41 -5.48 -6.15
CA ILE A 154 10.06 -6.08 -6.34
C ILE A 154 10.24 -7.57 -6.64
N LYS A 155 11.28 -7.94 -7.40
CA LYS A 155 11.56 -9.38 -7.65
C LYS A 155 11.91 -10.03 -6.31
N ASN A 156 12.66 -9.31 -5.47
CA ASN A 156 13.08 -9.77 -4.12
C ASN A 156 11.83 -10.07 -3.29
N PHE A 157 10.88 -9.14 -3.26
CA PHE A 157 9.59 -9.26 -2.53
C PHE A 157 8.85 -10.52 -2.99
N MET A 158 8.95 -10.87 -4.27
CA MET A 158 8.20 -12.01 -4.86
C MET A 158 8.90 -13.34 -4.62
N GLU A 159 10.15 -13.36 -4.12
CA GLU A 159 10.98 -14.61 -4.01
C GLU A 159 10.29 -15.60 -3.05
N ALA A 160 9.74 -15.13 -1.92
CA ALA A 160 9.02 -15.99 -0.94
C ALA A 160 7.89 -16.79 -1.60
N GLY A 161 7.37 -16.35 -2.75
CA GLY A 161 6.31 -17.05 -3.49
C GLY A 161 6.76 -18.32 -4.19
N GLY A 162 8.07 -18.60 -4.24
CA GLY A 162 8.61 -19.86 -4.78
C GLY A 162 8.78 -19.84 -6.29
N GLU A 163 9.28 -20.95 -6.86
CA GLU A 163 9.75 -21.04 -8.26
C GLU A 163 8.60 -21.47 -9.19
N ASN A 164 7.40 -21.72 -8.65
CA ASN A 164 6.20 -22.01 -9.47
C ASN A 164 5.73 -20.70 -10.12
N ARG A 165 6.10 -20.49 -11.39
CA ARG A 165 5.95 -19.21 -12.12
C ARG A 165 4.47 -18.92 -12.39
N ASP A 166 3.70 -19.93 -12.80
CA ASP A 166 2.25 -19.81 -13.08
C ASP A 166 1.54 -19.14 -11.89
N LYS A 167 1.84 -19.54 -10.65
CA LYS A 167 1.06 -19.03 -9.49
C LYS A 167 1.58 -17.66 -9.07
N THR A 168 2.87 -17.33 -9.23
CA THR A 168 3.38 -15.95 -8.97
C THR A 168 2.83 -14.98 -10.02
N LYS A 169 2.74 -15.37 -11.29
CA LYS A 169 2.18 -14.41 -12.29
C LYS A 169 0.66 -14.23 -12.08
N GLN A 170 -0.08 -15.22 -11.58
CA GLN A 170 -1.50 -15.02 -11.12
C GLN A 170 -1.58 -13.92 -10.05
N VAL A 171 -0.67 -13.94 -9.09
CA VAL A 171 -0.58 -12.87 -8.03
C VAL A 171 -0.37 -11.53 -8.73
N LEU A 172 0.60 -11.46 -9.64
CA LEU A 172 0.92 -10.19 -10.33
C LEU A 172 -0.34 -9.71 -11.04
N LEU A 173 -1.05 -10.62 -11.73
CA LEU A 173 -2.24 -10.28 -12.56
C LEU A 173 -3.40 -9.78 -11.69
N LYS A 174 -3.69 -10.42 -10.56
CA LYS A 174 -4.74 -9.94 -9.62
C LYS A 174 -4.35 -8.54 -9.10
N TRP A 175 -3.06 -8.29 -8.87
CA TRP A 175 -2.61 -6.93 -8.43
C TRP A 175 -2.87 -5.91 -9.54
N ILE A 176 -2.50 -6.24 -10.78
CA ILE A 176 -2.68 -5.37 -11.97
C ILE A 176 -4.18 -5.11 -12.17
N MET A 177 -5.02 -6.11 -11.97
CA MET A 177 -6.47 -5.95 -12.16
C MET A 177 -7.01 -4.86 -11.21
N LYS A 178 -6.66 -4.91 -9.92
CA LYS A 178 -7.16 -3.92 -8.92
C LYS A 178 -6.47 -2.57 -9.09
N LEU A 179 -5.16 -2.54 -9.34
CA LEU A 179 -4.40 -1.27 -9.53
C LEU A 179 -4.93 -0.50 -10.75
N SER A 180 -5.21 -1.20 -11.84
N SER A 180 -5.25 -1.21 -11.83
CA SER A 180 -5.79 -0.64 -13.08
CA SER A 180 -5.77 -0.63 -13.10
C SER A 180 -7.11 0.06 -12.74
C SER A 180 -7.15 -0.01 -12.84
N GLU A 181 -7.98 -0.62 -11.99
CA GLU A 181 -9.29 -0.05 -11.61
C GLU A 181 -9.07 1.17 -10.72
N LEU A 182 -8.10 1.09 -9.79
CA LEU A 182 -7.77 2.21 -8.87
C LEU A 182 -7.30 3.43 -9.69
N ALA A 183 -6.32 3.28 -10.57
CA ALA A 183 -5.84 4.38 -11.43
C ALA A 183 -7.02 4.98 -12.22
N ASN A 184 -7.84 4.14 -12.86
CA ASN A 184 -9.10 4.57 -13.53
C ASN A 184 -9.94 5.43 -12.58
N ASP A 185 -10.25 4.93 -11.37
CA ASP A 185 -11.15 5.62 -10.40
C ASP A 185 -10.50 6.92 -9.90
N LEU A 186 -9.18 6.98 -9.80
CA LEU A 186 -8.49 8.17 -9.25
C LEU A 186 -8.76 9.41 -10.11
N PHE A 187 -8.98 9.28 -11.41
CA PHE A 187 -9.31 10.41 -12.32
C PHE A 187 -10.56 11.18 -11.84
N GLU A 188 -11.45 10.53 -11.10
CA GLU A 188 -12.77 11.12 -10.72
C GLU A 188 -12.76 11.54 -9.25
N ILE A 189 -11.58 11.61 -8.63
CA ILE A 189 -11.49 11.89 -7.16
C ILE A 189 -10.62 13.11 -6.92
N ASN A 190 -11.23 14.13 -6.31
CA ASN A 190 -10.62 15.47 -6.11
C ASN A 190 -9.97 15.53 -4.71
N LEU A 191 -8.96 14.67 -4.49
CA LEU A 191 -8.15 14.62 -3.26
C LEU A 191 -6.67 14.65 -3.64
N LYS A 192 -5.83 15.28 -2.83
CA LYS A 192 -4.36 15.17 -3.01
C LYS A 192 -3.90 14.09 -2.05
N PHE A 193 -3.49 12.92 -2.56
CA PHE A 193 -3.15 11.75 -1.71
C PHE A 193 -1.71 11.87 -1.19
N ASP A 194 -1.34 13.03 -0.63
CA ASP A 194 0.02 13.22 -0.03
C ASP A 194 0.22 12.12 1.03
N GLY A 195 1.32 11.37 0.90
CA GLY A 195 1.81 10.45 1.93
C GLY A 195 1.18 9.06 1.88
N VAL A 196 0.19 8.79 1.01
CA VAL A 196 -0.54 7.48 1.04
C VAL A 196 0.37 6.40 0.44
N SER A 197 0.19 5.20 0.94
CA SER A 197 0.92 3.99 0.51
C SER A 197 -0.09 2.97 0.00
N LEU A 198 0.42 2.11 -0.88
CA LEU A 198 -0.17 0.83 -1.29
C LEU A 198 0.49 -0.23 -0.43
N ILE A 199 -0.33 -1.12 0.14
CA ILE A 199 0.10 -2.31 0.89
C ILE A 199 -0.19 -3.51 -0.01
N PHE A 200 0.85 -4.04 -0.64
CA PHE A 200 0.77 -5.30 -1.39
C PHE A 200 0.92 -6.45 -0.40
N ILE A 201 0.03 -7.44 -0.47
CA ILE A 201 0.13 -8.69 0.33
C ILE A 201 -0.09 -9.90 -0.58
N TYR A 202 0.66 -10.97 -0.35
CA TYR A 202 0.45 -12.31 -0.96
C TYR A 202 0.85 -13.35 0.09
N ASP A 203 0.16 -14.49 0.12
CA ASP A 203 0.51 -15.63 1.00
C ASP A 203 1.66 -16.39 0.34
N ASP A 204 2.59 -16.93 1.14
CA ASP A 204 3.71 -17.79 0.68
C ASP A 204 3.21 -18.78 -0.39
N ASP A 205 2.04 -19.38 -0.20
CA ASP A 205 1.56 -20.46 -1.10
C ASP A 205 0.97 -19.88 -2.40
N CYS A 206 0.95 -18.55 -2.55
CA CYS A 206 0.36 -17.79 -3.70
C CYS A 206 -1.11 -18.16 -3.91
N SER A 207 -1.83 -18.57 -2.86
CA SER A 207 -3.28 -18.92 -2.93
C SER A 207 -4.16 -17.68 -2.87
N LYS A 208 -3.62 -16.59 -2.30
CA LYS A 208 -4.39 -15.38 -1.90
C LYS A 208 -3.48 -14.16 -2.08
N CYS A 209 -4.02 -13.02 -2.49
CA CYS A 209 -3.24 -11.76 -2.51
C CYS A 209 -4.19 -10.56 -2.55
N ASP A 210 -3.68 -9.40 -2.23
CA ASP A 210 -4.46 -8.15 -2.35
C ASP A 210 -3.47 -6.99 -2.37
N VAL A 211 -4.01 -5.82 -2.65
CA VAL A 211 -3.34 -4.52 -2.47
C VAL A 211 -4.44 -3.53 -2.09
N ASN A 212 -4.13 -2.64 -1.16
CA ASN A 212 -5.07 -1.62 -0.64
C ASN A 212 -4.29 -0.35 -0.35
N VAL A 213 -4.99 0.78 -0.33
CA VAL A 213 -4.49 2.15 -0.08
C VAL A 213 -4.61 2.44 1.42
N VAL A 214 -3.53 2.91 2.06
CA VAL A 214 -3.55 3.28 3.50
C VAL A 214 -2.91 4.66 3.72
N ASP A 215 -3.18 5.23 4.90
CA ASP A 215 -2.43 6.35 5.52
C ASP A 215 -2.88 7.68 4.91
N PHE A 216 -3.96 8.24 5.44
CA PHE A 216 -4.62 9.46 4.94
C PHE A 216 -4.33 10.68 5.84
N SER A 217 -3.35 10.58 6.73
CA SER A 217 -2.99 11.66 7.70
C SER A 217 -2.74 12.99 6.97
N ARG A 218 -2.17 12.95 5.76
CA ARG A 218 -1.71 14.17 5.03
C ARG A 218 -2.56 14.39 3.77
N VAL A 219 -3.68 13.70 3.62
CA VAL A 219 -4.56 13.86 2.43
C VAL A 219 -5.33 15.19 2.55
N LYS A 220 -5.55 15.86 1.42
CA LYS A 220 -6.09 17.25 1.32
C LYS A 220 -7.22 17.30 0.28
N LEU A 221 -8.21 18.17 0.48
CA LEU A 221 -9.22 18.49 -0.56
C LEU A 221 -8.52 19.33 -1.63
N ILE A 222 -8.78 19.05 -2.90
CA ILE A 222 -8.37 19.94 -4.03
C ILE A 222 -9.53 19.98 -5.04
N ASP A 223 -9.37 20.76 -6.11
CA ASP A 223 -10.45 21.09 -7.09
C ASP A 223 -10.20 20.35 -8.41
N THR A 224 -9.15 19.52 -8.48
CA THR A 224 -8.82 18.60 -9.60
C THR A 224 -8.51 17.21 -9.05
N ASN A 225 -8.07 16.30 -9.92
CA ASN A 225 -7.55 14.96 -9.53
C ASN A 225 -6.05 15.07 -9.27
N ASP A 226 -5.43 13.99 -8.77
CA ASP A 226 -4.01 13.93 -8.35
C ASP A 226 -3.19 13.20 -9.41
N GLN A 227 -2.62 13.95 -10.36
CA GLN A 227 -1.86 13.39 -11.50
C GLN A 227 -0.58 12.69 -11.01
N MET A 228 0.08 13.21 -9.97
CA MET A 228 1.31 12.58 -9.41
C MET A 228 0.95 11.16 -8.92
N THR A 229 -0.11 11.05 -8.13
CA THR A 229 -0.54 9.76 -7.53
C THR A 229 -0.97 8.79 -8.67
N ILE A 230 -1.69 9.29 -9.66
CA ILE A 230 -2.10 8.45 -10.83
C ILE A 230 -0.82 7.95 -11.53
N SER A 231 0.22 8.79 -11.71
CA SER A 231 1.46 8.40 -12.42
C SER A 231 2.21 7.32 -11.65
N ALA A 232 2.18 7.42 -10.33
CA ALA A 232 2.75 6.39 -9.44
C ALA A 232 2.05 5.04 -9.72
N VAL A 233 0.72 5.00 -9.77
CA VAL A 233 0.00 3.71 -9.95
C VAL A 233 0.27 3.18 -11.36
N THR A 234 0.16 4.00 -12.40
CA THR A 234 0.38 3.57 -13.83
C THR A 234 1.83 3.08 -14.00
N ASN A 235 2.79 3.66 -13.29
CA ASN A 235 4.21 3.22 -13.38
C ASN A 235 4.35 1.84 -12.74
N LEU A 236 3.68 1.63 -11.60
CA LEU A 236 3.66 0.29 -10.93
C LEU A 236 2.99 -0.72 -11.87
N ILE A 237 1.88 -0.36 -12.49
CA ILE A 237 1.13 -1.28 -13.39
C ILE A 237 2.09 -1.68 -14.50
N LYS A 238 2.84 -0.71 -15.04
CA LYS A 238 3.86 -0.96 -16.09
C LYS A 238 4.86 -2.00 -15.59
N ILE A 239 5.46 -1.75 -14.43
CA ILE A 239 6.52 -2.64 -13.87
C ILE A 239 5.94 -4.06 -13.69
N LEU A 240 4.79 -4.19 -13.03
CA LEU A 240 4.16 -5.51 -12.75
C LEU A 240 3.80 -6.25 -14.05
N SER A 241 3.32 -5.52 -15.06
N SER A 241 3.32 -5.54 -15.07
CA SER A 241 2.93 -6.09 -16.38
CA SER A 241 2.94 -6.15 -16.37
C SER A 241 4.18 -6.62 -17.10
C SER A 241 4.20 -6.64 -17.10
N GLU A 242 5.31 -5.91 -16.97
CA GLU A 242 6.64 -6.34 -17.48
C GLU A 242 7.04 -7.64 -16.75
N LEU A 243 6.87 -7.72 -15.44
CA LEU A 243 7.18 -8.97 -14.71
C LEU A 243 6.19 -10.08 -15.11
N ALA A 244 4.89 -9.81 -15.11
CA ALA A 244 3.89 -10.86 -15.43
C ALA A 244 4.22 -11.43 -16.82
N ASP A 245 4.86 -10.66 -17.70
CA ASP A 245 5.07 -11.06 -19.12
C ASP A 245 6.45 -11.68 -19.36
N ASN A 246 7.46 -11.44 -18.52
CA ASN A 246 8.86 -11.87 -18.85
C ASN A 246 8.95 -13.40 -18.78
N PRO A 247 9.92 -14.02 -19.50
CA PRO A 247 10.00 -15.48 -19.63
C PRO A 247 10.96 -16.22 -18.69
PB ADP B . 2.35 5.81 9.13
O1B ADP B . 3.27 5.84 7.93
O2B ADP B . 3.13 5.91 10.42
O3B ADP B . 1.22 6.87 9.06
PA ADP B . 0.83 3.69 7.85
O1A ADP B . 1.46 4.19 6.58
O2A ADP B . -0.64 3.91 8.02
O3A ADP B . 1.62 4.35 9.09
O5' ADP B . 1.16 2.14 8.01
C5' ADP B . 2.51 1.78 8.38
C4' ADP B . 2.69 0.30 8.23
O4' ADP B . 1.67 -0.38 8.99
C3' ADP B . 2.56 -0.25 6.80
O3' ADP B . 3.82 -0.20 6.16
C2' ADP B . 2.03 -1.67 7.04
O2' ADP B . 3.05 -2.61 7.29
C1' ADP B . 1.18 -1.52 8.30
N9 ADP B . -0.26 -1.33 8.11
C8 ADP B . -0.95 -0.14 8.10
N7 ADP B . -2.24 -0.28 8.00
C5 ADP B . -2.44 -1.65 8.00
C6 ADP B . -3.61 -2.43 7.93
N6 ADP B . -4.84 -1.93 7.93
N1 ADP B . -3.46 -3.78 8.00
C2 ADP B . -2.22 -4.27 8.04
N3 ADP B . -1.05 -3.64 8.08
C4 ADP B . -1.23 -2.31 8.06
MG MG C . 2.95 5.70 5.74
MG MG D . 1.48 8.82 8.03
P1 K7V E . 7.57 10.90 11.44
P3 K7V E . 11.21 9.71 5.71
P4 K7V E . 8.26 11.58 3.46
P5 K7V E . 4.38 10.97 5.03
P6 K7V E . 3.85 11.75 9.07
C1 K7V E . 7.36 10.67 8.87
C2 K7V E . 8.76 10.94 8.29
C3 K7V E . 8.91 10.43 6.89
C4 K7V E . 7.90 11.13 6.07
C5 K7V E . 6.51 10.77 6.54
C6 K7V E . 6.28 11.20 7.95
O11 K7V E . 7.26 11.46 10.01
O12 K7V E . 9.74 10.27 9.10
O13 K7V E . 10.22 10.77 6.41
O14 K7V E . 8.03 10.64 4.77
O15 K7V E . 5.63 11.55 5.77
O16 K7V E . 4.94 10.76 8.36
O21 K7V E . 8.79 10.07 11.26
O23 K7V E . 11.98 9.02 6.95
O24 K7V E . 8.30 10.21 2.64
O25 K7V E . 3.28 11.63 5.72
O26 K7V E . 4.11 13.27 8.67
O31 K7V E . 7.75 12.22 12.34
O33 K7V E . 10.36 8.82 4.89
O34 K7V E . 7.06 12.41 3.38
O35 K7V E . 4.53 9.38 5.27
O36 K7V E . 4.07 11.42 10.47
O41 K7V E . 6.20 10.08 11.69
O43 K7V E . 12.09 10.74 4.84
O44 K7V E . 9.64 12.30 3.92
O45 K7V E . 4.61 11.51 3.51
O46 K7V E . 2.45 11.19 8.49
P PO4 F . 6.84 6.43 5.71
O1 PO4 F . 5.43 6.30 5.12
O2 PO4 F . 7.77 7.20 4.75
O3 PO4 F . 7.42 5.03 5.92
O4 PO4 F . 6.74 7.18 7.04
#